data_7M1A
#
_entry.id   7M1A
#
_cell.length_a   59.300
_cell.length_b   61.080
_cell.length_c   61.760
_cell.angle_alpha   90.000
_cell.angle_beta   101.587
_cell.angle_gamma   90.000
#
_symmetry.space_group_name_H-M   'P 1 21 1'
#
loop_
_entity.id
_entity.type
_entity.pdbx_description
1 polymer 'Galactose-binding like protein'
2 non-polymer 1,2-ETHANEDIOL
3 non-polymer 'CALCIUM ION'
4 water water
#
_entity_poly.entity_id   1
_entity_poly.type   'polypeptide(L)'
_entity_poly.pdbx_seq_one_letter_code
;(MSE)ELDKTKFRE(MSE)YLQNDSRVDSYDGK(MSE)EYVWNGRISKDGDSGGVGLHTGTGTKDGPAVFTFDLGVLAKL
SRFALWAIQDEKHFYND(MSE)SPRRYEVWGCATEPNPDGSWDQWVKLLD(MSE)ENVKPSGSPIGILTEDDIEAAKIGD
QANVPLD(MSE)PRVRYIRIKCLKNWSNNYNICFTELTFWGND
;
_entity_poly.pdbx_strand_id   AAA,BBB
#
loop_
_chem_comp.id
_chem_comp.type
_chem_comp.name
_chem_comp.formula
CA non-polymer 'CALCIUM ION' 'Ca 2'
EDO non-polymer 1,2-ETHANEDIOL 'C2 H6 O2'
#
# COMPACT_ATOMS: atom_id res chain seq x y z
N MSE A 1 4.29 -1.42 26.02
CA MSE A 1 3.25 -0.65 25.26
C MSE A 1 2.91 -1.30 23.94
O MSE A 1 3.79 -1.90 23.32
CB MSE A 1 3.68 0.81 24.98
CG MSE A 1 4.72 1.09 23.86
SE MSE A 1 4.73 3.03 23.48
CE MSE A 1 3.42 3.27 22.02
N GLU A 2 1.63 -1.21 23.55
CA GLU A 2 1.23 -1.60 22.23
C GLU A 2 1.76 -0.54 21.28
N LEU A 3 2.39 -0.98 20.18
CA LEU A 3 2.86 0.03 19.21
C LEU A 3 1.66 0.66 18.50
N ASP A 4 1.76 1.96 18.23
CA ASP A 4 0.68 2.77 17.69
C ASP A 4 0.45 2.41 16.21
N LYS A 5 -0.64 1.67 15.99
CA LYS A 5 -0.97 1.17 14.64
C LYS A 5 -1.32 2.29 13.66
N THR A 6 -1.64 3.51 14.20
CA THR A 6 -1.92 4.60 13.30
C THR A 6 -0.72 5.02 12.47
N LYS A 7 0.49 4.64 12.95
CA LYS A 7 1.74 4.97 12.31
C LYS A 7 2.21 3.88 11.34
N PHE A 8 1.56 2.70 11.36
CA PHE A 8 2.08 1.60 10.48
C PHE A 8 1.81 1.97 9.01
N ARG A 9 2.69 1.51 8.13
CA ARG A 9 2.52 1.80 6.72
C ARG A 9 2.83 0.59 5.85
N GLU A 10 1.98 0.33 4.85
CA GLU A 10 2.25 -0.70 3.85
C GLU A 10 3.54 -0.33 3.10
N MSE A 11 4.31 -1.37 2.72
CA MSE A 11 5.39 -1.23 1.78
C MSE A 11 5.18 -2.24 0.67
O MSE A 11 4.42 -3.20 0.83
CB MSE A 11 6.71 -1.41 2.47
CG MSE A 11 6.95 -0.34 3.51
SE MSE A 11 8.75 -0.43 4.29
CE MSE A 11 9.73 0.21 2.76
N TYR A 12 6.01 -2.14 -0.41
CA TYR A 12 5.85 -3.10 -1.49
C TYR A 12 7.21 -3.18 -2.16
N LEU A 13 7.96 -4.25 -1.85
CA LEU A 13 9.29 -4.48 -2.39
C LEU A 13 9.22 -5.46 -3.54
N GLN A 14 10.21 -5.47 -4.45
CA GLN A 14 10.06 -6.34 -5.64
C GLN A 14 9.90 -7.78 -5.17
N ASN A 15 9.05 -8.48 -5.89
CA ASN A 15 8.70 -9.89 -5.66
C ASN A 15 7.81 -10.08 -4.44
N ASP A 16 7.43 -9.03 -3.67
CA ASP A 16 6.47 -9.26 -2.60
C ASP A 16 5.15 -9.75 -3.20
N SER A 17 4.39 -10.51 -2.39
CA SER A 17 3.06 -10.98 -2.79
C SER A 17 2.08 -9.81 -2.68
N ARG A 18 1.19 -9.69 -3.67
CA ARG A 18 0.04 -8.82 -3.49
C ARG A 18 -0.90 -9.45 -2.46
N VAL A 19 -1.57 -8.60 -1.66
CA VAL A 19 -2.37 -9.14 -0.54
C VAL A 19 -3.81 -8.66 -0.62
N ASP A 20 -4.26 -8.31 -1.84
CA ASP A 20 -5.54 -7.61 -2.03
C ASP A 20 -6.63 -8.47 -2.66
N SER A 21 -6.52 -9.80 -2.52
CA SER A 21 -7.59 -10.66 -3.00
C SER A 21 -8.79 -10.53 -2.05
N TYR A 22 -10.00 -10.81 -2.56
CA TYR A 22 -11.22 -10.82 -1.74
C TYR A 22 -11.46 -9.48 -1.07
N ASP A 23 -11.12 -8.40 -1.81
CA ASP A 23 -11.32 -7.04 -1.26
C ASP A 23 -10.43 -6.83 -0.03
N GLY A 24 -9.30 -7.53 0.03
CA GLY A 24 -8.37 -7.34 1.13
C GLY A 24 -7.47 -6.14 0.92
N LYS A 25 -6.78 -5.76 1.99
CA LYS A 25 -5.83 -4.65 1.95
C LYS A 25 -4.95 -4.80 3.18
N MSE A 26 -3.65 -4.51 3.01
CA MSE A 26 -2.70 -4.74 4.08
C MSE A 26 -3.14 -3.95 5.33
O MSE A 26 -3.00 -4.44 6.45
CB MSE A 26 -1.25 -4.40 3.69
CG MSE A 26 -0.30 -5.05 4.77
SE MSE A 26 1.58 -4.62 4.42
CE MSE A 26 1.74 -5.47 2.62
N GLU A 27 -3.62 -2.67 5.13
CA GLU A 27 -3.94 -1.82 6.27
C GLU A 27 -5.04 -2.45 7.12
N TYR A 28 -5.79 -3.41 6.55
CA TYR A 28 -6.84 -4.02 7.37
C TYR A 28 -6.31 -4.92 8.49
N VAL A 29 -5.01 -5.30 8.43
CA VAL A 29 -4.48 -6.15 9.50
C VAL A 29 -3.85 -5.29 10.61
N TRP A 30 -3.96 -3.93 10.56
CA TRP A 30 -3.64 -3.09 11.70
C TRP A 30 -4.71 -2.02 11.94
N ASN A 31 -5.96 -2.38 11.65
CA ASN A 31 -7.08 -1.49 11.91
C ASN A 31 -7.66 -1.63 13.30
N GLY A 32 -7.11 -2.47 14.17
CA GLY A 32 -7.61 -2.65 15.56
C GLY A 32 -8.83 -3.55 15.62
N ARG A 33 -9.24 -4.11 14.45
CA ARG A 33 -10.44 -4.94 14.49
C ARG A 33 -10.04 -6.38 14.14
N ILE A 34 -10.56 -7.32 14.95
CA ILE A 34 -10.33 -8.72 14.72
C ILE A 34 -11.65 -9.24 14.14
N SER A 35 -11.67 -9.47 12.82
CA SER A 35 -12.91 -9.53 12.03
C SER A 35 -13.16 -10.92 11.46
N LYS A 36 -14.40 -11.16 11.01
CA LYS A 36 -14.74 -12.36 10.27
C LYS A 36 -15.31 -11.96 8.91
N ASP A 37 -15.48 -12.94 8.01
CA ASP A 37 -16.10 -12.64 6.74
C ASP A 37 -17.49 -12.05 6.98
N GLY A 38 -17.83 -11.03 6.19
CA GLY A 38 -19.10 -10.33 6.28
C GLY A 38 -19.08 -9.08 7.15
N ASP A 39 -18.01 -8.89 7.91
CA ASP A 39 -17.91 -7.71 8.74
C ASP A 39 -17.65 -6.50 7.85
N SER A 40 -18.04 -5.32 8.37
CA SER A 40 -17.73 -4.03 7.71
C SER A 40 -16.33 -3.57 8.15
N GLY A 41 -15.75 -2.64 7.40
CA GLY A 41 -14.53 -1.93 7.83
C GLY A 41 -13.24 -2.63 7.40
N GLY A 42 -13.30 -3.62 6.45
CA GLY A 42 -12.07 -4.25 5.90
C GLY A 42 -11.71 -5.44 6.80
N VAL A 43 -11.85 -6.64 6.23
CA VAL A 43 -11.70 -7.88 7.03
C VAL A 43 -10.27 -8.31 7.26
N GLY A 44 -9.41 -8.12 6.27
CA GLY A 44 -8.06 -8.60 6.46
C GLY A 44 -7.28 -8.48 5.15
N LEU A 45 -6.17 -9.23 5.04
CA LEU A 45 -5.44 -9.32 3.81
C LEU A 45 -5.52 -10.74 3.30
N HIS A 46 -5.30 -10.87 2.00
CA HIS A 46 -5.44 -12.19 1.40
C HIS A 46 -4.66 -12.26 0.10
N THR A 47 -3.71 -13.22 -0.04
CA THR A 47 -2.91 -13.30 -1.27
C THR A 47 -3.56 -14.08 -2.39
N GLY A 48 -4.80 -14.61 -2.16
CA GLY A 48 -5.47 -15.38 -3.20
C GLY A 48 -5.21 -16.89 -3.03
N THR A 49 -5.48 -17.62 -4.11
CA THR A 49 -5.36 -19.08 -4.14
C THR A 49 -4.57 -19.53 -5.35
N GLY A 50 -3.94 -18.64 -6.10
CA GLY A 50 -3.03 -19.06 -7.17
C GLY A 50 -1.81 -19.77 -6.61
N THR A 51 -1.20 -20.65 -7.41
CA THR A 51 -0.07 -21.41 -6.92
C THR A 51 1.15 -20.50 -7.00
N LYS A 52 1.87 -20.35 -5.88
CA LYS A 52 3.10 -19.57 -5.84
C LYS A 52 4.33 -20.44 -5.99
N ASP A 53 5.42 -19.81 -6.42
CA ASP A 53 6.73 -20.46 -6.56
C ASP A 53 7.43 -20.71 -5.21
N GLY A 54 6.98 -19.99 -4.19
CA GLY A 54 7.60 -20.02 -2.88
C GLY A 54 6.71 -19.31 -1.88
N PRO A 55 7.13 -19.34 -0.59
CA PRO A 55 6.40 -18.70 0.52
C PRO A 55 5.93 -17.29 0.14
N ALA A 56 4.69 -16.94 0.51
CA ALA A 56 4.24 -15.57 0.30
C ALA A 56 5.04 -14.68 1.24
N VAL A 57 5.38 -13.47 0.75
CA VAL A 57 6.14 -12.50 1.54
C VAL A 57 5.44 -11.13 1.41
N PHE A 58 5.31 -10.41 2.53
CA PHE A 58 4.90 -9.01 2.37
C PHE A 58 5.60 -8.21 3.49
N THR A 59 5.61 -6.88 3.29
CA THR A 59 6.52 -6.00 4.01
C THR A 59 5.72 -4.78 4.52
N PHE A 60 6.10 -4.26 5.70
CA PHE A 60 5.48 -3.03 6.21
C PHE A 60 6.41 -2.32 7.18
N ASP A 61 6.06 -1.10 7.55
CA ASP A 61 6.85 -0.18 8.35
C ASP A 61 6.05 0.04 9.61
N LEU A 62 6.68 -0.11 10.78
CA LEU A 62 6.03 0.16 12.07
C LEU A 62 5.93 1.66 12.35
N GLY A 63 6.69 2.50 11.60
CA GLY A 63 6.59 3.93 11.84
C GLY A 63 7.41 4.40 13.04
N VAL A 64 8.07 3.48 13.75
CA VAL A 64 8.91 3.80 14.88
C VAL A 64 10.02 2.74 14.89
N LEU A 65 11.15 3.06 15.54
CA LEU A 65 12.19 2.09 15.86
C LEU A 65 11.88 1.54 17.23
N ALA A 66 11.69 0.20 17.29
CA ALA A 66 11.18 -0.33 18.54
C ALA A 66 12.05 -1.46 19.02
N LYS A 67 12.11 -1.49 20.36
CA LYS A 67 12.60 -2.79 20.95
C LYS A 67 11.36 -3.70 21.15
N LEU A 68 11.21 -4.74 20.33
CA LEU A 68 9.97 -5.47 20.37
C LEU A 68 9.97 -6.39 21.59
N SER A 69 8.75 -6.57 22.16
CA SER A 69 8.53 -7.47 23.30
C SER A 69 7.56 -8.62 22.97
N ARG A 70 6.48 -8.34 22.20
CA ARG A 70 5.51 -9.38 21.91
C ARG A 70 4.89 -9.15 20.55
N PHE A 71 4.36 -10.28 20.00
CA PHE A 71 3.69 -10.32 18.71
C PHE A 71 2.45 -11.18 18.80
N ALA A 72 1.37 -10.78 18.16
CA ALA A 72 0.19 -11.62 18.08
C ALA A 72 -0.40 -11.55 16.69
N LEU A 73 -1.13 -12.57 16.25
CA LEU A 73 -1.73 -12.63 14.94
C LEU A 73 -3.02 -13.42 15.06
N TRP A 74 -4.08 -12.93 14.40
CA TRP A 74 -5.40 -13.59 14.41
C TRP A 74 -5.78 -13.98 12.98
N ALA A 75 -6.27 -15.19 12.83
CA ALA A 75 -6.95 -15.68 11.65
C ALA A 75 -8.34 -15.00 11.53
N ILE A 76 -8.84 -14.94 10.28
CA ILE A 76 -10.20 -14.41 10.09
C ILE A 76 -11.16 -15.31 10.91
N GLN A 77 -12.04 -14.66 11.68
CA GLN A 77 -12.69 -15.30 12.86
C GLN A 77 -13.99 -16.07 12.57
N ASP A 78 -13.84 -17.07 11.71
CA ASP A 78 -14.98 -17.94 11.45
C ASP A 78 -14.51 -19.35 11.10
N GLU A 79 -15.49 -20.30 11.09
CA GLU A 79 -15.04 -21.68 10.94
C GLU A 79 -14.41 -21.96 9.58
N LYS A 80 -14.77 -21.16 8.56
CA LYS A 80 -14.16 -21.31 7.24
C LYS A 80 -12.64 -21.12 7.34
N HIS A 81 -12.16 -20.26 8.25
CA HIS A 81 -10.77 -19.87 8.32
C HIS A 81 -10.04 -20.47 9.52
N PHE A 82 -10.70 -20.94 10.56
CA PHE A 82 -9.98 -21.47 11.72
C PHE A 82 -9.26 -22.77 11.33
N TYR A 83 -7.92 -22.77 11.36
CA TYR A 83 -7.13 -23.94 10.99
C TYR A 83 -7.59 -24.51 9.64
N ASN A 84 -7.85 -23.58 8.69
CA ASN A 84 -8.43 -24.00 7.42
C ASN A 84 -8.11 -22.89 6.41
N ASP A 85 -8.54 -23.08 5.17
CA ASP A 85 -8.47 -22.04 4.14
C ASP A 85 -6.99 -21.64 3.97
N MSE A 86 -6.72 -20.35 3.70
CA MSE A 86 -5.35 -19.92 3.49
C MSE A 86 -4.77 -19.34 4.80
O MSE A 86 -3.78 -18.59 4.78
CB MSE A 86 -5.20 -18.92 2.34
CG MSE A 86 -5.86 -19.35 1.05
SE MSE A 86 -5.31 -21.10 0.38
CE MSE A 86 -7.08 -21.92 0.23
N SER A 87 -5.38 -19.64 5.94
CA SER A 87 -4.87 -19.16 7.20
C SER A 87 -3.48 -19.72 7.44
N PRO A 88 -2.56 -18.93 8.02
CA PRO A 88 -1.16 -19.41 8.13
C PRO A 88 -1.04 -20.51 9.17
N ARG A 89 -0.14 -21.47 8.86
CA ARG A 89 0.14 -22.56 9.82
C ARG A 89 1.60 -22.48 10.27
N ARG A 90 2.57 -22.38 9.33
CA ARG A 90 3.95 -22.12 9.71
C ARG A 90 4.42 -20.86 9.01
N TYR A 91 4.92 -19.91 9.79
CA TYR A 91 5.25 -18.61 9.20
C TYR A 91 6.32 -17.95 10.03
N GLU A 92 6.92 -16.90 9.47
CA GLU A 92 8.04 -16.28 10.14
C GLU A 92 7.86 -14.76 10.18
N VAL A 93 8.38 -14.10 11.23
CA VAL A 93 8.40 -12.64 11.31
C VAL A 93 9.84 -12.21 11.24
N TRP A 94 10.16 -11.25 10.35
CA TRP A 94 11.53 -10.78 10.13
C TRP A 94 11.51 -9.26 10.29
N GLY A 95 12.67 -8.66 10.64
CA GLY A 95 12.73 -7.24 10.83
C GLY A 95 14.08 -6.65 10.43
N CYS A 96 14.08 -5.32 10.18
CA CYS A 96 15.34 -4.60 10.05
C CYS A 96 15.15 -3.18 10.57
N ALA A 97 16.29 -2.46 10.71
CA ALA A 97 16.30 -1.16 11.32
C ALA A 97 16.43 -0.03 10.33
N THR A 98 16.97 -0.31 9.14
CA THR A 98 17.19 0.81 8.21
C THR A 98 16.41 0.52 6.90
N GLU A 99 16.28 1.58 6.06
CA GLU A 99 15.39 1.49 4.94
C GLU A 99 15.54 0.19 4.18
N PRO A 100 14.45 -0.58 4.00
CA PRO A 100 14.52 -1.78 3.17
C PRO A 100 14.94 -1.56 1.72
N ASN A 101 15.83 -2.40 1.19
CA ASN A 101 16.18 -2.23 -0.20
C ASN A 101 14.96 -2.59 -1.00
N PRO A 102 14.60 -1.74 -2.02
CA PRO A 102 13.46 -2.09 -2.86
C PRO A 102 13.53 -3.26 -3.78
N ASP A 103 14.73 -3.92 -3.83
CA ASP A 103 14.88 -5.14 -4.61
C ASP A 103 14.35 -6.33 -3.84
N GLY A 104 13.87 -6.12 -2.59
CA GLY A 104 13.24 -7.22 -1.88
C GLY A 104 14.16 -8.33 -1.36
N SER A 105 15.48 -8.13 -1.51
CA SER A 105 16.41 -9.13 -1.03
C SER A 105 16.28 -9.31 0.49
N TRP A 106 16.59 -10.53 0.94
CA TRP A 106 16.60 -10.84 2.38
C TRP A 106 17.87 -10.39 3.11
N ASP A 107 18.89 -9.99 2.37
CA ASP A 107 20.19 -9.79 2.94
C ASP A 107 20.19 -8.97 4.23
N GLN A 108 19.49 -7.81 4.29
CA GLN A 108 19.61 -6.92 5.42
C GLN A 108 18.72 -7.39 6.61
N TRP A 109 17.81 -8.38 6.42
CA TRP A 109 16.70 -8.73 7.39
C TRP A 109 17.22 -9.77 8.38
N VAL A 110 16.62 -9.73 9.59
CA VAL A 110 16.91 -10.68 10.61
C VAL A 110 15.61 -11.36 11.01
N LYS A 111 15.68 -12.68 11.24
CA LYS A 111 14.48 -13.45 11.58
C LYS A 111 14.22 -13.30 13.08
N LEU A 112 13.04 -12.76 13.41
CA LEU A 112 12.67 -12.39 14.79
C LEU A 112 11.96 -13.57 15.45
N LEU A 113 11.06 -14.24 14.68
CA LEU A 113 10.20 -15.26 15.25
C LEU A 113 9.93 -16.37 14.23
N ASP A 114 9.96 -17.61 14.74
CA ASP A 114 9.45 -18.77 14.01
C ASP A 114 8.08 -19.08 14.62
N MSE A 115 7.00 -18.95 13.85
CA MSE A 115 5.64 -19.13 14.37
C MSE A 115 5.06 -20.42 13.84
O MSE A 115 5.18 -20.76 12.67
CB MSE A 115 4.71 -17.96 13.96
CG MSE A 115 5.25 -16.61 14.39
SE MSE A 115 5.25 -16.36 16.36
CE MSE A 115 3.31 -16.38 16.63
N GLU A 116 4.32 -21.09 14.73
CA GLU A 116 3.47 -22.18 14.32
C GLU A 116 2.08 -21.99 14.94
N ASN A 117 1.04 -21.99 14.12
CA ASN A 117 -0.33 -21.98 14.63
C ASN A 117 -0.68 -23.45 14.92
N VAL A 118 -0.76 -23.82 16.20
CA VAL A 118 -1.05 -25.20 16.64
C VAL A 118 -2.53 -25.31 16.92
N LYS A 119 -3.10 -26.38 16.33
CA LYS A 119 -4.50 -26.69 16.58
C LYS A 119 -4.61 -27.55 17.85
N PRO A 120 -5.15 -27.01 18.96
CA PRO A 120 -5.15 -27.72 20.25
C PRO A 120 -5.64 -29.16 20.17
N SER A 121 -6.73 -29.40 19.44
CA SER A 121 -7.33 -30.74 19.41
C SER A 121 -6.59 -31.66 18.42
N GLY A 122 -5.80 -31.11 17.50
CA GLY A 122 -5.17 -31.95 16.49
C GLY A 122 -6.17 -32.61 15.53
N SER A 123 -7.43 -32.13 15.52
CA SER A 123 -8.49 -32.80 14.75
C SER A 123 -8.22 -32.61 13.26
N PRO A 124 -8.76 -33.49 12.39
CA PRO A 124 -8.69 -33.26 10.95
C PRO A 124 -9.25 -31.92 10.48
N ILE A 125 -8.80 -31.44 9.29
CA ILE A 125 -9.26 -30.16 8.75
C ILE A 125 -10.79 -30.19 8.66
N GLY A 126 -11.44 -29.11 9.10
CA GLY A 126 -12.88 -28.98 9.06
C GLY A 126 -13.56 -29.34 10.37
N ILE A 127 -12.84 -29.99 11.31
CA ILE A 127 -13.38 -30.38 12.62
C ILE A 127 -12.79 -29.44 13.68
N LEU A 128 -13.66 -28.87 14.55
CA LEU A 128 -13.23 -27.91 15.55
C LEU A 128 -13.76 -28.31 16.92
N THR A 129 -12.94 -28.20 17.94
CA THR A 129 -13.42 -28.31 19.30
C THR A 129 -13.55 -26.93 19.94
N GLU A 130 -14.06 -26.96 21.17
CA GLU A 130 -14.23 -25.71 21.89
C GLU A 130 -12.86 -25.10 22.17
N ASP A 131 -11.88 -25.96 22.53
CA ASP A 131 -10.51 -25.54 22.75
C ASP A 131 -9.92 -24.89 21.49
N ASP A 132 -10.17 -25.48 20.33
CA ASP A 132 -9.61 -24.99 19.08
C ASP A 132 -10.17 -23.57 18.84
N ILE A 133 -11.47 -23.39 19.13
CA ILE A 133 -12.12 -22.09 18.91
C ILE A 133 -11.54 -21.04 19.89
N GLU A 134 -11.45 -21.39 21.17
CA GLU A 134 -10.93 -20.46 22.16
C GLU A 134 -9.52 -20.02 21.75
N ALA A 135 -8.71 -20.98 21.29
CA ALA A 135 -7.33 -20.61 20.95
C ALA A 135 -7.33 -19.61 19.80
N ALA A 136 -8.20 -19.82 18.81
CA ALA A 136 -8.25 -18.95 17.67
C ALA A 136 -8.73 -17.54 18.01
N LYS A 137 -9.65 -17.35 18.99
CA LYS A 137 -10.00 -16.02 19.48
C LYS A 137 -8.83 -15.40 20.21
N ILE A 138 -7.98 -16.19 20.94
CA ILE A 138 -6.88 -15.60 21.69
C ILE A 138 -5.80 -15.13 20.69
N GLY A 139 -5.68 -15.84 19.53
CA GLY A 139 -4.64 -15.50 18.55
C GLY A 139 -3.30 -16.23 18.81
N ASP A 140 -2.45 -16.36 17.78
CA ASP A 140 -1.07 -16.79 18.03
C ASP A 140 -0.40 -15.70 18.84
N GLN A 141 0.43 -16.08 19.79
CA GLN A 141 1.04 -15.20 20.81
C GLN A 141 2.52 -15.56 20.93
N ALA A 142 3.43 -14.58 20.91
CA ALA A 142 4.85 -14.89 21.11
C ALA A 142 5.55 -13.75 21.83
N ASN A 143 6.50 -14.11 22.68
CA ASN A 143 7.44 -13.13 23.18
C ASN A 143 8.65 -13.07 22.26
N VAL A 144 9.11 -11.85 21.99
CA VAL A 144 10.31 -11.68 21.14
C VAL A 144 11.55 -11.74 22.01
N PRO A 145 12.56 -12.59 21.68
CA PRO A 145 13.75 -12.67 22.56
C PRO A 145 14.36 -11.29 22.79
N LEU A 146 14.95 -11.07 23.99
CA LEU A 146 15.66 -9.83 24.36
C LEU A 146 16.95 -9.66 23.55
N ASP A 147 17.52 -10.69 22.96
CA ASP A 147 18.70 -10.44 22.13
C ASP A 147 18.38 -10.01 20.71
N MSE A 148 17.11 -9.87 20.31
CA MSE A 148 16.85 -9.32 18.99
C MSE A 148 17.17 -7.83 18.96
O MSE A 148 16.93 -7.15 19.94
CB MSE A 148 15.34 -9.56 18.72
CG MSE A 148 15.08 -11.08 18.43
SE MSE A 148 16.10 -11.86 16.95
CE MSE A 148 16.68 -10.80 15.49
N PRO A 149 17.62 -7.30 17.78
CA PRO A 149 17.87 -5.88 17.66
C PRO A 149 16.54 -5.11 17.60
N ARG A 150 16.64 -3.79 17.87
CA ARG A 150 15.52 -2.92 17.57
C ARG A 150 15.25 -2.90 16.07
N VAL A 151 13.95 -2.85 15.72
CA VAL A 151 13.58 -2.85 14.29
C VAL A 151 12.43 -1.90 14.03
N ARG A 152 12.44 -1.35 12.80
CA ARG A 152 11.35 -0.54 12.35
C ARG A 152 10.55 -1.15 11.21
N TYR A 153 11.12 -2.05 10.45
CA TYR A 153 10.47 -2.61 9.27
C TYR A 153 10.26 -4.10 9.50
N ILE A 154 9.18 -4.61 8.98
CA ILE A 154 8.80 -6.00 9.25
C ILE A 154 8.49 -6.71 7.95
N ARG A 155 8.84 -8.00 7.87
CA ARG A 155 8.33 -8.88 6.84
C ARG A 155 7.64 -10.08 7.49
N ILE A 156 6.55 -10.53 6.85
CA ILE A 156 5.96 -11.82 7.22
C ILE A 156 6.10 -12.77 6.02
N LYS A 157 6.64 -13.98 6.30
CA LYS A 157 6.80 -15.03 5.29
C LYS A 157 5.90 -16.22 5.67
N CYS A 158 5.02 -16.65 4.73
CA CYS A 158 4.13 -17.78 4.98
C CYS A 158 4.77 -19.04 4.39
N LEU A 159 5.36 -19.89 5.27
CA LEU A 159 5.97 -21.13 4.79
C LEU A 159 4.92 -22.17 4.40
N LYS A 160 3.79 -22.21 5.12
CA LYS A 160 2.74 -23.17 4.84
C LYS A 160 1.45 -22.70 5.47
N ASN A 161 0.36 -22.78 4.73
CA ASN A 161 -0.92 -22.49 5.34
C ASN A 161 -1.70 -23.78 5.61
N TRP A 162 -2.92 -23.63 6.11
CA TRP A 162 -3.70 -24.83 6.51
C TRP A 162 -4.23 -25.63 5.33
N SER A 163 -4.11 -25.12 4.09
CA SER A 163 -4.41 -25.87 2.87
C SER A 163 -3.11 -26.36 2.21
N ASN A 164 -2.00 -26.33 2.94
CA ASN A 164 -0.75 -26.92 2.46
C ASN A 164 -0.17 -26.17 1.25
N ASN A 165 -0.36 -24.84 1.20
CA ASN A 165 0.30 -24.07 0.17
C ASN A 165 0.87 -22.76 0.77
N TYR A 166 1.33 -21.86 -0.12
CA TYR A 166 2.15 -20.73 0.29
C TYR A 166 1.30 -19.45 0.49
N ASN A 167 -0.02 -19.47 0.14
CA ASN A 167 -0.86 -18.30 0.31
C ASN A 167 -1.02 -17.95 1.78
N ILE A 168 -1.49 -16.73 2.02
CA ILE A 168 -1.82 -16.35 3.39
C ILE A 168 -3.02 -15.40 3.42
N CYS A 169 -3.91 -15.57 4.42
CA CYS A 169 -4.92 -14.58 4.74
C CYS A 169 -5.04 -14.53 6.28
N PHE A 170 -5.38 -13.37 6.82
CA PHE A 170 -5.61 -13.22 8.25
C PHE A 170 -6.24 -11.84 8.50
N THR A 171 -6.72 -11.58 9.75
CA THR A 171 -7.50 -10.36 9.99
C THR A 171 -6.72 -9.28 10.76
N GLU A 172 -5.77 -9.60 11.65
CA GLU A 172 -5.15 -8.56 12.48
C GLU A 172 -3.83 -9.09 13.01
N LEU A 173 -2.87 -8.18 13.21
CA LEU A 173 -1.68 -8.50 13.99
C LEU A 173 -1.47 -7.37 14.99
N THR A 174 -0.66 -7.63 16.04
CA THR A 174 -0.36 -6.59 17.01
C THR A 174 1.11 -6.78 17.40
N PHE A 175 1.82 -5.66 17.57
CA PHE A 175 3.15 -5.66 18.16
C PHE A 175 3.11 -4.86 19.48
N TRP A 176 3.91 -5.33 20.46
CA TRP A 176 4.17 -4.59 21.68
C TRP A 176 5.69 -4.37 21.76
N GLY A 177 6.12 -3.24 22.38
CA GLY A 177 7.55 -3.05 22.73
C GLY A 177 7.89 -1.72 23.34
N MSE B 1 15.31 21.35 -1.80
CA MSE B 1 15.70 19.95 -2.19
C MSE B 1 14.58 19.09 -2.76
O MSE B 1 13.45 19.33 -2.44
CB MSE B 1 16.23 19.27 -0.92
CG MSE B 1 15.25 19.29 0.27
SE MSE B 1 16.06 18.13 1.67
CE MSE B 1 15.42 16.37 1.06
N GLU B 2 14.92 18.06 -3.51
CA GLU B 2 13.96 17.03 -3.88
C GLU B 2 13.67 16.18 -2.62
N LEU B 3 12.39 16.02 -2.26
CA LEU B 3 12.13 15.15 -1.09
C LEU B 3 12.51 13.71 -1.41
N ASP B 4 13.02 13.06 -0.35
CA ASP B 4 13.58 11.70 -0.48
C ASP B 4 12.43 10.68 -0.67
N LYS B 5 12.31 10.15 -1.88
CA LYS B 5 11.22 9.25 -2.23
C LYS B 5 11.36 7.89 -1.55
N THR B 6 12.55 7.58 -1.01
CA THR B 6 12.68 6.32 -0.29
C THR B 6 11.86 6.28 1.01
N LYS B 7 11.47 7.47 1.46
CA LYS B 7 10.67 7.61 2.66
C LYS B 7 9.16 7.66 2.39
N PHE B 8 8.76 7.78 1.11
CA PHE B 8 7.32 7.93 0.82
C PHE B 8 6.64 6.58 1.15
N ARG B 9 5.37 6.64 1.58
CA ARG B 9 4.64 5.41 1.92
C ARG B 9 3.21 5.53 1.42
N GLU B 10 2.73 4.43 0.80
CA GLU B 10 1.30 4.31 0.46
C GLU B 10 0.45 4.37 1.71
N MSE B 11 -0.74 4.97 1.58
CA MSE B 11 -1.76 4.86 2.62
C MSE B 11 -3.05 4.42 1.92
O MSE B 11 -3.17 4.45 0.69
CB MSE B 11 -1.99 6.23 3.28
CG MSE B 11 -0.75 6.60 4.02
SE MSE B 11 -0.97 8.27 5.06
CE MSE B 11 -2.07 7.49 6.46
N TYR B 12 -4.05 4.09 2.71
CA TYR B 12 -5.32 3.63 2.16
C TYR B 12 -6.39 4.02 3.17
N LEU B 13 -7.09 5.12 2.85
CA LEU B 13 -8.20 5.53 3.71
C LEU B 13 -9.54 5.06 3.15
N GLN B 14 -10.63 5.00 4.01
CA GLN B 14 -11.88 4.47 3.49
C GLN B 14 -12.32 5.30 2.28
N ASN B 15 -12.80 4.59 1.28
CA ASN B 15 -13.34 5.16 0.06
C ASN B 15 -12.24 5.56 -0.92
N ASP B 16 -10.95 5.44 -0.53
CA ASP B 16 -9.96 5.72 -1.58
C ASP B 16 -10.10 4.75 -2.73
N SER B 17 -9.64 5.20 -3.92
CA SER B 17 -9.62 4.34 -5.09
C SER B 17 -8.47 3.35 -4.95
N ARG B 18 -8.68 2.09 -5.38
CA ARG B 18 -7.54 1.20 -5.63
C ARG B 18 -6.82 1.64 -6.88
N VAL B 19 -5.50 1.45 -6.84
CA VAL B 19 -4.63 2.00 -7.90
C VAL B 19 -3.81 0.89 -8.58
N ASP B 20 -4.27 -0.36 -8.49
CA ASP B 20 -3.42 -1.51 -8.81
C ASP B 20 -3.94 -2.24 -10.07
N SER B 21 -4.68 -1.59 -10.94
CA SER B 21 -5.12 -2.17 -12.19
C SER B 21 -3.94 -2.27 -13.14
N TYR B 22 -3.99 -3.22 -14.10
CA TYR B 22 -2.96 -3.33 -15.15
C TYR B 22 -1.58 -3.45 -14.50
N ASP B 23 -1.50 -4.22 -13.41
CA ASP B 23 -0.26 -4.49 -12.69
C ASP B 23 0.35 -3.22 -12.09
N GLY B 24 -0.51 -2.22 -11.86
CA GLY B 24 0.02 -0.99 -11.25
C GLY B 24 0.21 -1.17 -9.75
N LYS B 25 0.87 -0.18 -9.13
CA LYS B 25 1.12 -0.11 -7.70
C LYS B 25 1.42 1.33 -7.37
N MSE B 26 0.95 1.83 -6.22
CA MSE B 26 1.23 3.24 -5.93
C MSE B 26 2.74 3.51 -5.81
O MSE B 26 3.17 4.57 -6.27
CB MSE B 26 0.56 3.66 -4.61
CG MSE B 26 0.53 5.19 -4.60
SE MSE B 26 -0.26 5.86 -2.86
CE MSE B 26 -2.05 5.08 -3.03
N GLU B 27 3.54 2.56 -5.24
CA GLU B 27 4.96 2.80 -5.06
C GLU B 27 5.63 3.03 -6.42
N TYR B 28 5.01 2.59 -7.53
CA TYR B 28 5.67 2.82 -8.82
C TYR B 28 5.70 4.28 -9.24
N VAL B 29 4.93 5.18 -8.59
CA VAL B 29 4.97 6.58 -8.97
C VAL B 29 5.93 7.37 -8.11
N TRP B 30 6.75 6.70 -7.27
CA TRP B 30 7.87 7.35 -6.61
C TRP B 30 9.11 6.46 -6.67
N ASN B 31 9.21 5.69 -7.74
CA ASN B 31 10.40 4.83 -7.89
C ASN B 31 11.54 5.52 -8.66
N GLY B 32 11.42 6.83 -8.98
CA GLY B 32 12.46 7.58 -9.69
C GLY B 32 12.54 7.24 -11.17
N ARG B 33 11.55 6.46 -11.69
CA ARG B 33 11.56 6.08 -13.10
C ARG B 33 10.37 6.73 -13.74
N ILE B 34 10.62 7.37 -14.90
CA ILE B 34 9.55 7.93 -15.69
C ILE B 34 9.40 6.96 -16.89
N SER B 35 8.38 6.09 -16.86
CA SER B 35 8.31 4.87 -17.66
C SER B 35 7.23 4.95 -18.73
N LYS B 36 7.26 3.94 -19.61
CA LYS B 36 6.22 3.72 -20.62
C LYS B 36 5.77 2.25 -20.51
N ASP B 37 4.66 1.91 -21.17
CA ASP B 37 4.18 0.53 -21.23
C ASP B 37 5.29 -0.37 -21.80
N GLY B 38 5.52 -1.49 -21.15
CA GLY B 38 6.49 -2.48 -21.58
C GLY B 38 7.83 -2.36 -20.85
N ASP B 39 8.02 -1.28 -20.09
CA ASP B 39 9.24 -1.18 -19.32
C ASP B 39 9.20 -2.11 -18.12
N SER B 40 10.40 -2.51 -17.64
CA SER B 40 10.50 -3.30 -16.42
C SER B 40 10.45 -2.35 -15.20
N GLY B 41 10.15 -2.92 -14.03
CA GLY B 41 10.41 -2.24 -12.76
C GLY B 41 9.21 -1.48 -12.23
N GLY B 42 8.01 -1.77 -12.84
CA GLY B 42 6.74 -1.21 -12.36
C GLY B 42 6.52 0.13 -13.11
N VAL B 43 5.45 0.20 -13.93
CA VAL B 43 5.27 1.34 -14.85
C VAL B 43 4.59 2.53 -14.15
N GLY B 44 3.61 2.25 -13.27
CA GLY B 44 2.91 3.39 -12.70
C GLY B 44 1.74 2.83 -11.87
N LEU B 45 0.77 3.69 -11.58
CA LEU B 45 -0.48 3.33 -10.92
C LEU B 45 -1.61 3.52 -11.90
N HIS B 46 -2.71 2.84 -11.60
CA HIS B 46 -3.81 2.82 -12.54
C HIS B 46 -5.09 2.40 -11.81
N THR B 47 -6.13 3.25 -11.82
CA THR B 47 -7.38 2.90 -11.15
C THR B 47 -8.31 2.02 -11.98
N GLY B 48 -7.95 1.75 -13.24
CA GLY B 48 -8.80 0.99 -14.16
C GLY B 48 -9.59 1.90 -15.09
N THR B 49 -10.63 1.30 -15.67
CA THR B 49 -11.43 1.98 -16.67
C THR B 49 -12.91 1.92 -16.31
N GLY B 50 -13.25 1.35 -15.14
CA GLY B 50 -14.67 1.19 -14.83
C GLY B 50 -15.28 2.51 -14.36
N THR B 51 -16.61 2.64 -14.43
CA THR B 51 -17.23 3.87 -13.97
C THR B 51 -16.92 4.01 -12.47
N LYS B 52 -16.78 5.26 -12.04
CA LYS B 52 -16.76 5.60 -10.63
C LYS B 52 -17.87 6.61 -10.32
N ASP B 53 -18.26 6.65 -9.03
CA ASP B 53 -19.29 7.56 -8.53
C ASP B 53 -18.81 9.01 -8.53
N GLY B 54 -17.48 9.18 -8.42
CA GLY B 54 -16.85 10.49 -8.47
C GLY B 54 -15.35 10.39 -8.67
N PRO B 55 -14.69 11.54 -8.61
CA PRO B 55 -13.24 11.63 -8.86
C PRO B 55 -12.42 10.62 -8.08
N ALA B 56 -11.44 10.03 -8.77
CA ALA B 56 -10.58 9.09 -8.07
C ALA B 56 -9.78 9.84 -7.02
N VAL B 57 -9.54 9.15 -5.87
CA VAL B 57 -8.79 9.76 -4.81
C VAL B 57 -7.80 8.73 -4.29
N PHE B 58 -6.55 9.12 -4.08
CA PHE B 58 -5.63 8.24 -3.33
C PHE B 58 -4.76 9.09 -2.41
N THR B 59 -4.10 8.42 -1.45
CA THR B 59 -3.47 9.07 -0.31
C THR B 59 -2.08 8.46 -0.09
N PHE B 60 -1.14 9.33 0.30
CA PHE B 60 0.21 8.85 0.63
C PHE B 60 0.87 9.75 1.63
N ASP B 61 2.05 9.29 2.14
CA ASP B 61 2.79 9.90 3.24
C ASP B 61 4.16 10.22 2.67
N LEU B 62 4.52 11.49 2.75
CA LEU B 62 5.85 11.93 2.32
C LEU B 62 6.96 11.41 3.24
N GLY B 63 6.60 11.04 4.47
CA GLY B 63 7.61 10.54 5.41
C GLY B 63 8.39 11.67 6.09
N VAL B 64 8.06 12.94 5.81
CA VAL B 64 8.71 14.11 6.40
C VAL B 64 7.66 15.20 6.43
N LEU B 65 7.81 16.14 7.35
CA LEU B 65 7.03 17.39 7.36
C LEU B 65 7.79 18.39 6.56
N ALA B 66 7.17 18.88 5.47
CA ALA B 66 7.94 19.76 4.63
C ALA B 66 7.20 21.04 4.28
N LYS B 67 8.08 22.01 4.06
CA LYS B 67 7.48 23.23 3.42
C LYS B 67 7.60 23.01 1.91
N LEU B 68 6.52 22.73 1.20
CA LEU B 68 6.64 22.37 -0.20
C LEU B 68 6.97 23.60 -1.08
N SER B 69 7.82 23.36 -2.11
CA SER B 69 8.13 24.40 -3.10
C SER B 69 7.59 24.08 -4.49
N ARG B 70 7.70 22.81 -4.95
CA ARG B 70 7.34 22.48 -6.32
C ARG B 70 6.79 21.05 -6.33
N PHE B 71 6.09 20.79 -7.44
CA PHE B 71 5.39 19.53 -7.70
C PHE B 71 5.47 19.25 -9.20
N ALA B 72 5.72 18.01 -9.56
CA ALA B 72 5.68 17.60 -10.95
C ALA B 72 5.03 16.23 -11.08
N LEU B 73 4.42 15.95 -12.24
CA LEU B 73 3.77 14.71 -12.48
C LEU B 73 3.94 14.33 -13.95
N TRP B 74 4.19 13.06 -14.26
CA TRP B 74 4.39 12.57 -15.62
C TRP B 74 3.37 11.49 -15.91
N ALA B 75 2.75 11.61 -17.08
CA ALA B 75 1.95 10.61 -17.70
C ALA B 75 2.83 9.45 -18.15
N ILE B 76 2.25 8.24 -18.26
CA ILE B 76 2.97 7.09 -18.83
C ILE B 76 3.44 7.51 -20.25
N GLN B 77 4.68 7.22 -20.56
CA GLN B 77 5.39 7.97 -21.61
C GLN B 77 5.26 7.34 -23.02
N ASP B 78 4.03 7.24 -23.50
CA ASP B 78 3.87 6.70 -24.86
C ASP B 78 2.63 7.35 -25.48
N GLU B 79 2.49 7.14 -26.78
CA GLU B 79 1.37 7.74 -27.47
C GLU B 79 -0.01 7.29 -26.95
N LYS B 80 -0.11 6.04 -26.50
CA LYS B 80 -1.37 5.57 -25.94
C LYS B 80 -1.85 6.52 -24.82
N HIS B 81 -0.93 7.01 -24.01
CA HIS B 81 -1.24 7.75 -22.80
C HIS B 81 -1.08 9.27 -22.90
N PHE B 82 -0.31 9.81 -23.87
CA PHE B 82 -0.07 11.25 -23.87
C PHE B 82 -1.38 11.94 -24.21
N TYR B 83 -1.90 12.78 -23.29
CA TYR B 83 -3.17 13.48 -23.53
C TYR B 83 -4.26 12.50 -24.02
N ASN B 84 -4.31 11.33 -23.36
CA ASN B 84 -5.17 10.27 -23.87
C ASN B 84 -5.35 9.23 -22.77
N ASP B 85 -6.22 8.23 -23.01
CA ASP B 85 -6.38 7.11 -22.09
C ASP B 85 -6.88 7.68 -20.75
N MSE B 86 -6.44 7.09 -19.63
CA MSE B 86 -6.84 7.53 -18.32
C MSE B 86 -5.84 8.51 -17.70
O MSE B 86 -5.86 8.75 -16.48
CB MSE B 86 -7.10 6.33 -17.37
CG MSE B 86 -7.92 5.18 -17.95
SE MSE B 86 -9.70 5.74 -18.61
CE MSE B 86 -9.55 5.13 -20.43
N SER B 87 -4.98 9.09 -18.56
CA SER B 87 -4.07 10.11 -18.05
C SER B 87 -4.83 11.27 -17.47
N PRO B 88 -4.37 11.89 -16.38
CA PRO B 88 -5.17 12.98 -15.78
C PRO B 88 -5.12 14.27 -16.57
N ARG B 89 -6.27 14.97 -16.59
CA ARG B 89 -6.37 16.25 -17.32
C ARG B 89 -6.62 17.41 -16.32
N ARG B 90 -7.62 17.24 -15.42
CA ARG B 90 -7.82 18.20 -14.34
C ARG B 90 -7.72 17.41 -13.02
N TYR B 91 -6.87 17.91 -12.12
CA TYR B 91 -6.64 17.17 -10.89
C TYR B 91 -6.21 18.11 -9.81
N GLU B 92 -6.21 17.61 -8.56
CA GLU B 92 -5.84 18.48 -7.45
C GLU B 92 -4.83 17.77 -6.56
N VAL B 93 -3.98 18.55 -5.88
CA VAL B 93 -3.11 18.02 -4.86
C VAL B 93 -3.52 18.65 -3.54
N TRP B 94 -3.76 17.83 -2.55
CA TRP B 94 -4.16 18.26 -1.22
C TRP B 94 -3.12 17.76 -0.21
N GLY B 95 -3.07 18.42 0.97
CA GLY B 95 -2.14 18.02 2.01
C GLY B 95 -2.68 18.29 3.41
N CYS B 96 -2.05 17.59 4.39
CA CYS B 96 -2.24 17.91 5.80
C CYS B 96 -0.99 17.55 6.59
N ALA B 97 -0.95 18.00 7.83
CA ALA B 97 0.24 17.94 8.65
C ALA B 97 0.15 16.83 9.69
N THR B 98 -1.06 16.43 10.07
CA THR B 98 -1.18 15.43 11.13
C THR B 98 -1.87 14.19 10.62
N GLU B 99 -1.83 13.10 11.43
CA GLU B 99 -2.27 11.83 10.92
C GLU B 99 -3.61 11.92 10.20
N PRO B 100 -3.71 11.44 8.96
CA PRO B 100 -5.01 11.36 8.29
C PRO B 100 -6.06 10.53 9.01
N ASN B 101 -7.25 11.05 9.10
CA ASN B 101 -8.32 10.22 9.68
C ASN B 101 -8.57 9.05 8.74
N PRO B 102 -8.62 7.76 9.24
CA PRO B 102 -8.90 6.61 8.39
C PRO B 102 -10.26 6.53 7.73
N ASP B 103 -11.20 7.45 8.11
CA ASP B 103 -12.51 7.49 7.49
C ASP B 103 -12.42 8.17 6.14
N GLY B 104 -11.26 8.80 5.76
CA GLY B 104 -11.16 9.34 4.42
C GLY B 104 -11.86 10.65 4.21
N SER B 105 -12.37 11.24 5.30
CA SER B 105 -13.01 12.53 5.15
C SER B 105 -11.99 13.60 4.71
N TRP B 106 -12.50 14.61 4.02
CA TRP B 106 -11.74 15.76 3.53
C TRP B 106 -11.52 16.83 4.60
N ASP B 107 -12.22 16.73 5.73
CA ASP B 107 -12.26 17.81 6.69
C ASP B 107 -10.90 18.42 7.02
N GLN B 108 -9.86 17.58 7.27
CA GLN B 108 -8.59 18.05 7.81
C GLN B 108 -7.65 18.57 6.70
N TRP B 109 -8.02 18.34 5.44
CA TRP B 109 -7.08 18.51 4.27
C TRP B 109 -7.23 19.94 3.71
N VAL B 110 -6.06 20.38 3.19
CA VAL B 110 -6.03 21.64 2.54
C VAL B 110 -5.62 21.48 1.07
N LYS B 111 -6.26 22.24 0.17
CA LYS B 111 -5.97 22.10 -1.25
C LYS B 111 -4.72 22.93 -1.57
N LEU B 112 -3.67 22.26 -2.05
CA LEU B 112 -2.36 22.86 -2.29
C LEU B 112 -2.31 23.40 -3.71
N LEU B 113 -2.83 22.62 -4.66
CA LEU B 113 -2.66 22.90 -6.09
C LEU B 113 -3.90 22.54 -6.92
N ASP B 114 -4.27 23.41 -7.85
CA ASP B 114 -5.23 23.05 -8.88
C ASP B 114 -4.36 22.82 -10.11
N MSE B 115 -4.42 21.62 -10.67
CA MSE B 115 -3.56 21.22 -11.78
C MSE B 115 -4.38 21.03 -13.04
O MSE B 115 -5.47 20.43 -13.00
CB MSE B 115 -2.83 19.90 -11.54
CG MSE B 115 -1.93 20.02 -10.31
SE MSE B 115 -0.41 21.23 -10.48
CE MSE B 115 0.62 20.43 -11.98
N GLU B 116 -3.87 21.54 -14.16
CA GLU B 116 -4.45 21.19 -15.46
C GLU B 116 -3.31 20.74 -16.35
N ASN B 117 -3.44 19.55 -16.96
CA ASN B 117 -2.49 19.12 -17.99
C ASN B 117 -2.95 19.76 -19.31
N VAL B 118 -2.25 20.80 -19.78
CA VAL B 118 -2.59 21.57 -20.99
C VAL B 118 -1.82 20.91 -22.13
N LYS B 119 -2.53 20.66 -23.22
CA LYS B 119 -1.92 20.12 -24.42
C LYS B 119 -1.51 21.31 -25.27
N PRO B 120 -0.19 21.52 -25.49
CA PRO B 120 0.25 22.75 -26.18
C PRO B 120 -0.46 23.04 -27.51
N SER B 121 -0.65 22.03 -28.35
CA SER B 121 -1.21 22.22 -29.70
C SER B 121 -2.73 22.36 -29.62
N GLY B 122 -3.35 21.90 -28.54
CA GLY B 122 -4.81 21.84 -28.49
C GLY B 122 -5.43 20.89 -29.54
N SER B 123 -4.64 19.99 -30.12
CA SER B 123 -5.09 19.07 -31.19
C SER B 123 -6.10 18.09 -30.60
N PRO B 124 -6.97 17.52 -31.45
CA PRO B 124 -7.87 16.47 -31.00
C PRO B 124 -7.16 15.30 -30.35
N ILE B 125 -7.88 14.58 -29.48
CA ILE B 125 -7.36 13.38 -28.84
C ILE B 125 -6.90 12.43 -29.93
N GLY B 126 -5.65 11.95 -29.80
CA GLY B 126 -5.05 11.03 -30.76
C GLY B 126 -4.10 11.71 -31.75
N ILE B 127 -4.04 13.05 -31.75
CA ILE B 127 -3.04 13.75 -32.57
C ILE B 127 -2.01 14.37 -31.62
N LEU B 128 -0.70 14.19 -31.97
CA LEU B 128 0.34 14.80 -31.15
C LEU B 128 1.30 15.58 -32.03
N THR B 129 1.68 16.78 -31.63
CA THR B 129 2.76 17.57 -32.25
C THR B 129 4.04 17.37 -31.47
N GLU B 130 5.15 17.81 -32.07
CA GLU B 130 6.41 17.72 -31.40
C GLU B 130 6.36 18.49 -30.08
N ASP B 131 5.71 19.66 -30.06
CA ASP B 131 5.60 20.38 -28.80
C ASP B 131 4.78 19.62 -27.73
N ASP B 132 3.75 18.91 -28.13
CA ASP B 132 2.92 18.13 -27.19
C ASP B 132 3.82 17.06 -26.58
N ILE B 133 4.62 16.38 -27.38
CA ILE B 133 5.49 15.31 -26.84
C ILE B 133 6.55 15.89 -25.90
N GLU B 134 7.18 17.02 -26.30
CA GLU B 134 8.20 17.67 -25.45
C GLU B 134 7.57 17.97 -24.08
N ALA B 135 6.36 18.56 -24.11
CA ALA B 135 5.76 18.99 -22.84
C ALA B 135 5.52 17.77 -21.95
N ALA B 136 5.09 16.66 -22.56
CA ALA B 136 4.80 15.44 -21.81
C ALA B 136 6.06 14.86 -21.18
N LYS B 137 7.21 14.97 -21.86
CA LYS B 137 8.45 14.51 -21.23
C LYS B 137 8.87 15.48 -20.11
N ILE B 138 8.55 16.81 -20.20
CA ILE B 138 8.90 17.70 -19.11
C ILE B 138 8.04 17.41 -17.88
N GLY B 139 6.82 16.96 -18.15
CA GLY B 139 5.88 16.69 -17.07
C GLY B 139 5.07 17.95 -16.69
N ASP B 140 3.94 17.78 -16.03
CA ASP B 140 3.24 18.92 -15.47
C ASP B 140 4.14 19.46 -14.34
N GLN B 141 4.23 20.78 -14.22
CA GLN B 141 5.15 21.49 -13.33
C GLN B 141 4.42 22.59 -12.57
N ALA B 142 4.58 22.68 -11.25
CA ALA B 142 3.90 23.75 -10.49
C ALA B 142 4.76 24.19 -9.32
N ASN B 143 4.66 25.48 -9.06
CA ASN B 143 5.17 26.01 -7.81
C ASN B 143 4.04 26.04 -6.78
N VAL B 144 4.37 25.64 -5.56
CA VAL B 144 3.39 25.64 -4.48
C VAL B 144 3.46 27.00 -3.81
N PRO B 145 2.29 27.68 -3.63
CA PRO B 145 2.31 29.03 -3.03
C PRO B 145 3.00 29.03 -1.64
N LEU B 146 3.74 30.10 -1.31
CA LEU B 146 4.34 30.33 0.01
C LEU B 146 3.30 30.42 1.12
N ASP B 147 2.04 30.74 0.83
CA ASP B 147 1.21 30.74 2.04
C ASP B 147 0.72 29.38 2.49
N MSE B 148 1.06 28.30 1.75
CA MSE B 148 0.52 26.99 2.12
C MSE B 148 1.21 26.50 3.41
O MSE B 148 2.38 26.75 3.56
CB MSE B 148 0.80 25.95 0.99
CG MSE B 148 -0.05 26.25 -0.22
SE MSE B 148 -1.99 26.12 0.15
CE MSE B 148 -2.14 24.52 1.08
N PRO B 149 0.54 25.76 4.31
CA PRO B 149 1.18 25.25 5.51
C PRO B 149 2.16 24.14 5.13
N ARG B 150 3.12 23.84 6.02
CA ARG B 150 3.89 22.59 5.95
C ARG B 150 2.97 21.39 6.01
N VAL B 151 3.25 20.38 5.16
CA VAL B 151 2.44 19.16 5.13
C VAL B 151 3.34 17.94 5.10
N ARG B 152 2.84 16.79 5.54
CA ARG B 152 3.47 15.51 5.47
C ARG B 152 2.62 14.51 4.68
N TYR B 153 1.29 14.64 4.61
CA TYR B 153 0.45 13.66 3.93
C TYR B 153 -0.16 14.32 2.71
N ILE B 154 -0.38 13.53 1.66
CA ILE B 154 -0.81 14.06 0.37
C ILE B 154 -2.00 13.26 -0.15
N ARG B 155 -2.95 13.97 -0.78
CA ARG B 155 -3.96 13.28 -1.58
C ARG B 155 -3.98 13.85 -2.98
N ILE B 156 -4.18 12.97 -3.95
CA ILE B 156 -4.43 13.41 -5.33
C ILE B 156 -5.84 13.05 -5.67
N LYS B 157 -6.57 14.02 -6.23
CA LYS B 157 -7.96 13.78 -6.67
C LYS B 157 -8.01 14.05 -8.18
N CYS B 158 -8.55 13.10 -8.95
CA CYS B 158 -8.66 13.20 -10.42
C CYS B 158 -10.05 13.67 -10.78
N LEU B 159 -10.19 14.98 -11.11
CA LEU B 159 -11.49 15.53 -11.50
C LEU B 159 -11.91 15.03 -12.86
N LYS B 160 -10.97 14.94 -13.81
CA LYS B 160 -11.28 14.44 -15.14
C LYS B 160 -10.01 13.95 -15.80
N ASN B 161 -10.10 12.83 -16.49
CA ASN B 161 -8.98 12.40 -17.31
C ASN B 161 -9.23 12.75 -18.78
N TRP B 162 -8.27 12.35 -19.60
CA TRP B 162 -8.30 12.69 -21.03
C TRP B 162 -9.37 11.87 -21.76
N SER B 163 -9.98 10.87 -21.13
CA SER B 163 -11.09 10.15 -21.73
C SER B 163 -12.42 10.58 -21.09
N ASN B 164 -12.42 11.70 -20.35
CA ASN B 164 -13.64 12.31 -19.82
C ASN B 164 -14.26 11.42 -18.73
N ASN B 165 -13.44 10.71 -17.94
CA ASN B 165 -13.95 10.02 -16.78
C ASN B 165 -13.08 10.28 -15.55
N TYR B 166 -13.36 9.56 -14.45
CA TYR B 166 -12.74 9.89 -13.17
C TYR B 166 -11.51 9.04 -12.86
N ASN B 167 -11.20 8.07 -13.72
CA ASN B 167 -10.01 7.22 -13.49
C ASN B 167 -8.72 8.02 -13.62
N ILE B 168 -7.63 7.42 -13.11
CA ILE B 168 -6.33 8.06 -13.32
C ILE B 168 -5.25 6.97 -13.48
N CYS B 169 -4.29 7.24 -14.36
CA CYS B 169 -3.07 6.45 -14.44
C CYS B 169 -1.94 7.45 -14.76
N PHE B 170 -0.76 7.17 -14.23
CA PHE B 170 0.43 7.95 -14.52
C PHE B 170 1.66 7.18 -14.04
N THR B 171 2.89 7.67 -14.36
CA THR B 171 4.12 6.95 -14.09
C THR B 171 4.95 7.47 -12.92
N GLU B 172 4.98 8.76 -12.63
CA GLU B 172 5.89 9.28 -11.64
C GLU B 172 5.35 10.62 -11.18
N LEU B 173 5.61 10.95 -9.93
CA LEU B 173 5.51 12.32 -9.44
C LEU B 173 6.74 12.66 -8.64
N THR B 174 6.97 13.98 -8.42
CA THR B 174 8.12 14.44 -7.61
C THR B 174 7.66 15.66 -6.82
N PHE B 175 8.16 15.74 -5.57
CA PHE B 175 7.99 16.91 -4.72
C PHE B 175 9.34 17.50 -4.41
N TRP B 176 9.39 18.82 -4.33
CA TRP B 176 10.56 19.53 -3.82
C TRP B 176 10.09 20.41 -2.63
N GLY B 177 10.96 20.64 -1.62
CA GLY B 177 10.68 21.67 -0.59
C GLY B 177 11.73 21.72 0.52
C1 EDO C . -12.96 -14.64 2.23
O1 EDO C . -12.34 -14.27 3.43
C2 EDO C . -11.83 -15.21 1.55
O2 EDO C . -11.33 -16.34 2.22
C1 EDO D . -9.63 -10.21 2.74
O1 EDO D . -10.85 -9.50 2.70
C2 EDO D . -9.85 -11.25 3.71
O2 EDO D . -10.60 -12.26 3.07
C1 EDO E . -9.99 -18.87 -0.35
O1 EDO E . -9.80 -18.05 0.78
C2 EDO E . -11.34 -19.55 -0.30
O2 EDO E . -12.16 -18.54 0.14
CA CA F . -8.11 -6.13 11.24
C1 EDO G . 0.02 0.42 -14.43
O1 EDO G . 0.92 -0.64 -14.70
C2 EDO G . 0.23 1.43 -15.40
O2 EDO G . -0.44 0.93 -16.52
C1 EDO H . 11.36 21.23 7.88
O1 EDO H . 10.71 22.20 7.05
C2 EDO H . 11.96 20.14 7.08
O2 EDO H . 12.66 21.14 6.41
C1 EDO I . 10.20 25.58 6.94
O1 EDO I . 11.20 24.78 6.32
C2 EDO I . 10.42 25.28 8.35
O2 EDO I . 11.78 24.80 8.42
C1 EDO J . -6.18 2.15 -19.54
O1 EDO J . -4.82 2.19 -19.78
C2 EDO J . -6.86 1.12 -20.35
O2 EDO J . -6.07 0.50 -21.34
C1 EDO K . -2.00 0.67 -19.04
O1 EDO K . -2.88 1.70 -19.48
C2 EDO K . -1.76 -0.34 -20.05
O2 EDO K . -1.61 0.30 -21.29
CA CA L . 7.69 5.69 -11.77
#